data_7KGO
#
_entry.id   7KGO
#
_cell.length_a   59.794
_cell.length_b   78.254
_cell.length_c   111.511
_cell.angle_alpha   90.000
_cell.angle_beta   90.000
_cell.angle_gamma   90.000
#
_symmetry.space_group_name_H-M   'P 21 21 21'
#
loop_
_entity.id
_entity.type
_entity.pdbx_description
1 polymer 'MHC class I antigen'
2 polymer Beta-2-microglobulin
3 polymer Nucleoprotein
4 non-polymer 'NICKEL (III) ION'
5 non-polymer 'CHLORIDE ION'
6 non-polymer 'CADMIUM ION'
7 water water
#
loop_
_entity_poly.entity_id
_entity_poly.type
_entity_poly.pdbx_seq_one_letter_code
_entity_poly.pdbx_strand_id
1 'polypeptide(L)'
;GSHSMRYFFTSVSRPGRGEPRFIAVGYVDDTQFVRFDSDAASQRMEPRAPWIEQEGPEYWDGETRKVKAHSQTHRVDLGT
LRGYYNQSEAGSHTVQRMYGCDVGSDWRFLRGYHQYAYDGKDYIALKEDLRSWTAADMAAQTTKHKWEAAHVAEQLRAYL
EGTCVEWLRRYLENGKETLQRTDAPKTHMTHHAVSDHEATLRCWALSFYPAEITLTWQRDGEDQTQDTELVETRPAGDGT
FQKWAAVVVPSGQEQRYTCHVQHEGLPKPLTLRWEPSS
;
A
2 'polypeptide(L)'
;IQRTPKIQVYSRHPAENGKSNFLNCYVSGFHPSDIEVDLLKNGERIEKVEHSDLSFSKDWSFYLLYYTEFTPTEKDEYAC
RVNHVTLSQPKIVKWDRDM
;
B
3 'polypeptide(L)' ILLNKHIDA C
#
# COMPACT_ATOMS: atom_id res chain seq x y z
N GLY A 1 -4.00 -15.47 12.79
CA GLY A 1 -4.59 -14.62 13.80
C GLY A 1 -5.82 -13.89 13.30
N SER A 2 -5.81 -12.56 13.43
CA SER A 2 -6.89 -11.70 12.98
C SER A 2 -6.80 -11.46 11.47
N HIS A 3 -7.91 -11.04 10.87
CA HIS A 3 -7.98 -10.92 9.43
C HIS A 3 -8.88 -9.75 9.05
N SER A 4 -8.66 -9.24 7.84
CA SER A 4 -9.44 -8.13 7.34
C SER A 4 -9.72 -8.30 5.84
N MET A 5 -10.82 -7.68 5.41
CA MET A 5 -11.15 -7.51 4.00
C MET A 5 -11.37 -6.02 3.77
N ARG A 6 -10.74 -5.47 2.74
CA ARG A 6 -10.82 -4.02 2.50
C ARG A 6 -10.92 -3.73 1.02
N TYR A 7 -11.68 -2.70 0.69
CA TYR A 7 -11.77 -2.20 -0.67
C TYR A 7 -11.32 -0.74 -0.70
N PHE A 8 -10.53 -0.41 -1.71
CA PHE A 8 -9.96 0.92 -1.92
C PHE A 8 -10.40 1.46 -3.27
N PHE A 9 -10.95 2.68 -3.30
CA PHE A 9 -11.46 3.30 -4.52
C PHE A 9 -10.84 4.69 -4.70
N THR A 10 -10.25 4.93 -5.85
CA THR A 10 -9.73 6.26 -6.20
C THR A 10 -10.35 6.70 -7.51
N SER A 11 -10.83 7.93 -7.55
CA SER A 11 -11.40 8.49 -8.77
C SER A 11 -10.82 9.88 -8.96
N VAL A 12 -10.27 10.15 -10.14
CA VAL A 12 -9.56 11.40 -10.44
C VAL A 12 -10.19 12.04 -11.66
N SER A 13 -10.66 13.28 -11.52
CA SER A 13 -11.33 13.94 -12.64
C SER A 13 -10.32 14.42 -13.67
N ARG A 14 -10.79 14.50 -14.92
CA ARG A 14 -9.97 14.84 -16.08
C ARG A 14 -10.62 16.05 -16.75
N PRO A 15 -10.38 17.25 -16.25
CA PRO A 15 -11.05 18.44 -16.80
C PRO A 15 -10.82 18.63 -18.29
N GLY A 16 -9.67 18.21 -18.80
CA GLY A 16 -9.35 18.43 -20.21
C GLY A 16 -10.26 17.65 -21.15
N ARG A 17 -10.56 16.39 -20.82
CA ARG A 17 -11.36 15.56 -21.70
C ARG A 17 -11.77 14.25 -21.03
N GLY A 18 -13.04 13.91 -21.11
CA GLY A 18 -13.51 12.61 -20.70
C GLY A 18 -14.00 12.53 -19.27
N GLU A 19 -14.21 11.30 -18.84
CA GLU A 19 -14.71 11.01 -17.51
C GLU A 19 -13.55 10.69 -16.59
N PRO A 20 -13.80 10.59 -15.28
CA PRO A 20 -12.67 10.40 -14.35
C PRO A 20 -11.98 9.07 -14.56
N ARG A 21 -10.71 9.03 -14.20
CA ARG A 21 -10.01 7.76 -14.03
C ARG A 21 -10.49 7.12 -12.74
N PHE A 22 -10.82 5.83 -12.79
CA PHE A 22 -11.32 5.13 -11.63
C PHE A 22 -10.55 3.83 -11.42
N ILE A 23 -10.00 3.65 -10.22
CA ILE A 23 -9.23 2.47 -9.86
C ILE A 23 -9.74 1.92 -8.53
N ALA A 24 -10.10 0.63 -8.53
CA ALA A 24 -10.61 -0.09 -7.38
C ALA A 24 -9.75 -1.33 -7.16
N VAL A 25 -9.36 -1.60 -5.92
CA VAL A 25 -8.60 -2.78 -5.56
C VAL A 25 -9.22 -3.34 -4.29
N GLY A 26 -9.26 -4.66 -4.21
CA GLY A 26 -9.75 -5.35 -3.02
C GLY A 26 -8.63 -6.18 -2.40
N TYR A 27 -8.60 -6.22 -1.07
CA TYR A 27 -7.58 -6.94 -0.31
C TYR A 27 -8.22 -7.86 0.71
N VAL A 28 -7.62 -9.03 0.88
CA VAL A 28 -7.76 -9.80 2.11
C VAL A 28 -6.41 -9.70 2.81
N ASP A 29 -6.41 -9.18 4.03
CA ASP A 29 -5.17 -8.82 4.71
C ASP A 29 -4.27 -7.99 3.80
N ASP A 30 -3.07 -8.46 3.49
CA ASP A 30 -2.19 -7.75 2.59
C ASP A 30 -2.17 -8.34 1.18
N THR A 31 -3.15 -9.18 0.83
CA THR A 31 -3.18 -9.79 -0.49
C THR A 31 -4.20 -9.08 -1.34
N GLN A 32 -3.76 -8.45 -2.42
CA GLN A 32 -4.69 -7.95 -3.42
C GLN A 32 -5.37 -9.11 -4.13
N PHE A 33 -6.71 -9.10 -4.17
CA PHE A 33 -7.39 -10.22 -4.82
C PHE A 33 -8.28 -9.83 -5.98
N VAL A 34 -8.71 -8.57 -6.10
CA VAL A 34 -9.46 -8.12 -7.25
C VAL A 34 -9.01 -6.71 -7.61
N ARG A 35 -9.26 -6.34 -8.85
CA ARG A 35 -8.92 -5.00 -9.29
C ARG A 35 -9.90 -4.60 -10.38
N PHE A 36 -10.02 -3.29 -10.57
CA PHE A 36 -10.75 -2.72 -11.68
C PHE A 36 -10.09 -1.41 -12.04
N ASP A 37 -9.78 -1.24 -13.32
CA ASP A 37 -9.19 -0.01 -13.81
C ASP A 37 -10.01 0.47 -14.99
N SER A 38 -10.54 1.70 -14.90
CA SER A 38 -11.41 2.23 -15.94
C SER A 38 -10.68 2.37 -17.27
N ASP A 39 -9.36 2.55 -17.26
CA ASP A 39 -8.57 2.56 -18.49
C ASP A 39 -8.08 1.19 -18.96
N ALA A 40 -8.44 0.10 -18.28
CA ALA A 40 -8.10 -1.20 -18.81
C ALA A 40 -9.09 -1.61 -19.89
N ALA A 41 -8.71 -2.64 -20.65
CA ALA A 41 -9.51 -3.06 -21.81
C ALA A 41 -10.72 -3.89 -21.40
N SER A 42 -10.63 -4.68 -20.34
CA SER A 42 -11.69 -5.63 -20.03
C SER A 42 -12.98 -4.95 -19.56
N GLN A 43 -12.88 -3.82 -18.86
CA GLN A 43 -14.04 -3.20 -18.20
C GLN A 43 -14.74 -4.19 -17.27
N ARG A 44 -13.98 -5.10 -16.66
CA ARG A 44 -14.52 -6.07 -15.74
C ARG A 44 -13.73 -6.03 -14.44
N MET A 45 -14.39 -6.39 -13.35
CA MET A 45 -13.64 -6.76 -12.16
C MET A 45 -12.78 -7.96 -12.49
N GLU A 46 -11.46 -7.88 -12.21
CA GLU A 46 -10.51 -8.93 -12.60
C GLU A 46 -9.92 -9.65 -11.39
N PRO A 47 -9.69 -10.96 -11.49
CA PRO A 47 -8.99 -11.68 -10.41
C PRO A 47 -7.52 -11.31 -10.34
N ARG A 48 -6.98 -11.38 -9.12
CA ARG A 48 -5.56 -11.12 -8.90
C ARG A 48 -4.94 -12.12 -7.93
N ALA A 49 -5.68 -13.13 -7.51
CA ALA A 49 -5.18 -14.19 -6.66
C ALA A 49 -5.82 -15.48 -7.16
N PRO A 50 -5.10 -16.59 -7.11
CA PRO A 50 -5.63 -17.84 -7.68
C PRO A 50 -6.91 -18.32 -7.01
N TRP A 51 -7.07 -18.09 -5.71
CA TRP A 51 -8.22 -18.62 -4.99
C TRP A 51 -9.53 -17.87 -5.25
N ILE A 52 -9.50 -16.71 -5.90
CA ILE A 52 -10.75 -16.04 -6.26
C ILE A 52 -11.23 -16.47 -7.65
N GLU A 53 -10.35 -17.03 -8.48
CA GLU A 53 -10.75 -17.48 -9.82
C GLU A 53 -11.70 -18.66 -9.80
N GLN A 54 -11.71 -19.44 -8.70
CA GLN A 54 -12.72 -20.46 -8.52
C GLN A 54 -14.15 -19.92 -8.65
N GLU A 55 -14.34 -18.64 -8.34
CA GLU A 55 -15.69 -18.08 -8.27
C GLU A 55 -16.34 -18.06 -9.65
N GLY A 56 -17.65 -18.32 -9.67
CA GLY A 56 -18.39 -18.53 -10.89
C GLY A 56 -18.82 -17.23 -11.54
N PRO A 57 -19.51 -17.36 -12.68
CA PRO A 57 -19.82 -16.17 -13.49
C PRO A 57 -20.80 -15.23 -12.82
N GLU A 58 -21.69 -15.75 -11.96
CA GLU A 58 -22.54 -14.89 -11.15
C GLU A 58 -21.72 -13.92 -10.33
N TYR A 59 -20.60 -14.39 -9.80
CA TYR A 59 -19.75 -13.54 -8.96
C TYR A 59 -19.17 -12.40 -9.79
N TRP A 60 -18.55 -12.74 -10.92
CA TRP A 60 -17.86 -11.75 -11.73
C TRP A 60 -18.82 -10.78 -12.41
N ASP A 61 -20.02 -11.23 -12.77
CA ASP A 61 -21.01 -10.29 -13.32
C ASP A 61 -21.47 -9.31 -12.26
N GLY A 62 -21.74 -9.80 -11.05
CA GLY A 62 -22.17 -8.92 -9.97
C GLY A 62 -21.11 -7.92 -9.53
N GLU A 63 -19.86 -8.38 -9.37
CA GLU A 63 -18.79 -7.49 -8.94
C GLU A 63 -18.49 -6.44 -10.01
N THR A 64 -18.54 -6.82 -11.29
CA THR A 64 -18.39 -5.85 -12.38
C THR A 64 -19.53 -4.83 -12.35
N ARG A 65 -20.76 -5.31 -12.18
CA ARG A 65 -21.89 -4.38 -12.12
CA ARG A 65 -21.90 -4.39 -12.10
C ARG A 65 -21.70 -3.41 -10.96
N LYS A 66 -21.31 -3.91 -9.80
CA LYS A 66 -21.19 -3.05 -8.63
C LYS A 66 -20.09 -2.00 -8.82
N VAL A 67 -18.91 -2.44 -9.26
CA VAL A 67 -17.79 -1.51 -9.30
C VAL A 67 -18.03 -0.46 -10.37
N LYS A 68 -18.69 -0.82 -11.47
CA LYS A 68 -18.99 0.19 -12.48
C LYS A 68 -20.01 1.20 -11.95
N ALA A 69 -20.98 0.75 -11.14
CA ALA A 69 -21.89 1.70 -10.49
C ALA A 69 -21.13 2.61 -9.52
N HIS A 70 -20.18 2.06 -8.74
CA HIS A 70 -19.41 2.89 -7.82
C HIS A 70 -18.59 3.94 -8.56
N SER A 71 -18.07 3.58 -9.73
CA SER A 71 -17.35 4.53 -10.56
CA SER A 71 -17.35 4.54 -10.55
C SER A 71 -18.24 5.73 -10.90
N GLN A 72 -19.50 5.46 -11.24
CA GLN A 72 -20.44 6.53 -11.58
C GLN A 72 -20.80 7.36 -10.35
N THR A 73 -20.92 6.72 -9.19
CA THR A 73 -21.17 7.47 -7.95
C THR A 73 -20.06 8.47 -7.67
N HIS A 74 -18.81 8.04 -7.84
CA HIS A 74 -17.68 8.93 -7.64
C HIS A 74 -17.66 10.04 -8.69
N ARG A 75 -18.03 9.71 -9.94
CA ARG A 75 -18.15 10.72 -10.96
C ARG A 75 -19.12 11.82 -10.55
N VAL A 76 -20.34 11.43 -10.16
CA VAL A 76 -21.33 12.39 -9.66
C VAL A 76 -20.76 13.16 -8.47
N ASP A 77 -20.12 12.45 -7.53
CA ASP A 77 -19.59 13.12 -6.34
C ASP A 77 -18.57 14.17 -6.72
N LEU A 78 -17.71 13.88 -7.70
CA LEU A 78 -16.70 14.85 -8.11
C LEU A 78 -17.36 16.16 -8.54
N GLY A 79 -18.44 16.06 -9.31
CA GLY A 79 -19.21 17.24 -9.68
C GLY A 79 -19.87 17.92 -8.50
N THR A 80 -20.53 17.14 -7.64
CA THR A 80 -21.20 17.72 -6.47
C THR A 80 -20.20 18.47 -5.58
N LEU A 81 -19.05 17.85 -5.25
CA LEU A 81 -18.08 18.49 -4.37
C LEU A 81 -17.44 19.70 -5.01
N ARG A 82 -17.30 19.69 -6.33
CA ARG A 82 -16.79 20.86 -7.02
C ARG A 82 -17.70 22.06 -6.76
N GLY A 83 -19.01 21.82 -6.69
CA GLY A 83 -19.93 22.89 -6.35
C GLY A 83 -19.86 23.26 -4.87
N TYR A 84 -19.91 22.24 -3.98
CA TYR A 84 -19.85 22.51 -2.55
C TYR A 84 -18.69 23.43 -2.20
N TYR A 85 -17.53 23.20 -2.83
CA TYR A 85 -16.33 23.95 -2.49
C TYR A 85 -16.11 25.15 -3.40
N ASN A 86 -17.03 25.43 -4.31
CA ASN A 86 -16.96 26.60 -5.19
C ASN A 86 -15.69 26.60 -6.04
N GLN A 87 -15.38 25.46 -6.64
CA GLN A 87 -14.18 25.30 -7.45
C GLN A 87 -14.54 25.35 -8.93
N SER A 88 -13.57 25.73 -9.76
CA SER A 88 -13.83 25.83 -11.19
C SER A 88 -13.82 24.45 -11.85
N GLU A 89 -14.40 24.39 -13.05
CA GLU A 89 -14.33 23.16 -13.83
C GLU A 89 -12.94 22.91 -14.39
N ALA A 90 -11.99 23.84 -14.22
CA ALA A 90 -10.69 23.74 -14.87
C ALA A 90 -9.70 22.81 -14.18
N GLY A 91 -9.85 22.55 -12.88
CA GLY A 91 -8.88 21.78 -12.14
C GLY A 91 -9.24 20.31 -11.98
N SER A 92 -8.22 19.48 -11.75
CA SER A 92 -8.43 18.07 -11.47
C SER A 92 -8.57 17.87 -9.97
N HIS A 93 -9.52 17.03 -9.58
CA HIS A 93 -9.73 16.73 -8.17
C HIS A 93 -9.85 15.22 -7.98
N THR A 94 -9.80 14.79 -6.72
CA THR A 94 -9.70 13.38 -6.35
C THR A 94 -10.71 13.05 -5.27
N VAL A 95 -11.41 11.92 -5.44
CA VAL A 95 -12.17 11.30 -4.36
C VAL A 95 -11.57 9.93 -4.09
N GLN A 96 -11.51 9.58 -2.80
CA GLN A 96 -11.00 8.30 -2.35
C GLN A 96 -11.94 7.73 -1.30
N ARG A 97 -12.15 6.42 -1.38
CA ARG A 97 -13.03 5.72 -0.46
C ARG A 97 -12.37 4.41 -0.07
N MET A 98 -12.49 4.05 1.20
CA MET A 98 -11.99 2.78 1.70
C MET A 98 -13.00 2.24 2.71
N TYR A 99 -13.33 0.96 2.61
CA TYR A 99 -14.18 0.35 3.62
C TYR A 99 -13.82 -1.12 3.77
N GLY A 100 -14.19 -1.67 4.91
CA GLY A 100 -13.90 -3.07 5.17
C GLY A 100 -14.23 -3.46 6.59
N CYS A 101 -13.85 -4.69 6.93
CA CYS A 101 -14.20 -5.29 8.22
C CYS A 101 -13.04 -6.16 8.68
N ASP A 102 -12.84 -6.20 10.00
CA ASP A 102 -11.81 -7.01 10.66
C ASP A 102 -12.51 -8.09 11.46
N VAL A 103 -11.95 -9.30 11.44
CA VAL A 103 -12.39 -10.38 12.33
C VAL A 103 -11.23 -10.76 13.23
N GLY A 104 -11.57 -11.23 14.44
CA GLY A 104 -10.60 -11.71 15.38
C GLY A 104 -10.09 -13.10 15.03
N SER A 105 -9.18 -13.60 15.87
CA SER A 105 -8.60 -14.91 15.59
C SER A 105 -9.62 -16.04 15.66
N ASP A 106 -10.81 -15.78 16.19
CA ASP A 106 -11.94 -16.69 16.12
C ASP A 106 -12.83 -16.43 14.91
N TRP A 107 -12.36 -15.62 13.94
CA TRP A 107 -13.06 -15.24 12.71
C TRP A 107 -14.42 -14.57 12.98
N ARG A 108 -14.61 -14.00 14.17
CA ARG A 108 -15.80 -13.24 14.49
C ARG A 108 -15.56 -11.75 14.32
N PHE A 109 -16.63 -11.03 13.95
CA PHE A 109 -16.56 -9.58 13.75
C PHE A 109 -15.84 -8.85 14.87
N LEU A 110 -14.88 -7.99 14.50
CA LEU A 110 -14.22 -7.09 15.44
C LEU A 110 -14.60 -5.64 15.21
N ARG A 111 -14.40 -5.13 13.99
CA ARG A 111 -14.78 -3.76 13.71
C ARG A 111 -14.99 -3.59 12.21
N GLY A 112 -15.75 -2.54 11.87
CA GLY A 112 -15.97 -2.19 10.49
C GLY A 112 -15.58 -0.74 10.32
N TYR A 113 -15.38 -0.34 9.06
CA TYR A 113 -14.98 1.04 8.80
C TYR A 113 -15.38 1.42 7.37
N HIS A 114 -15.63 2.71 7.18
CA HIS A 114 -16.02 3.27 5.88
C HIS A 114 -15.65 4.74 5.90
N GLN A 115 -14.71 5.14 5.04
CA GLN A 115 -14.07 6.45 5.11
C GLN A 115 -14.03 7.06 3.72
N TYR A 116 -14.17 8.37 3.67
CA TYR A 116 -14.29 9.12 2.42
C TYR A 116 -13.43 10.37 2.50
N ALA A 117 -12.71 10.67 1.40
CA ALA A 117 -11.81 11.82 1.36
C ALA A 117 -11.95 12.56 0.04
N TYR A 118 -11.90 13.88 0.10
CA TYR A 118 -11.86 14.74 -1.08
C TYR A 118 -10.52 15.46 -1.14
N ASP A 119 -9.86 15.38 -2.28
CA ASP A 119 -8.54 16.00 -2.48
C ASP A 119 -7.56 15.64 -1.37
N GLY A 120 -7.63 14.39 -0.90
CA GLY A 120 -6.62 13.90 0.03
C GLY A 120 -6.79 14.28 1.48
N LYS A 121 -7.93 14.88 1.86
CA LYS A 121 -8.22 15.21 3.25
C LYS A 121 -9.51 14.49 3.65
N ASP A 122 -9.59 14.12 4.93
CA ASP A 122 -10.83 13.58 5.49
C ASP A 122 -12.01 14.41 5.05
N TYR A 123 -13.02 13.74 4.53
CA TYR A 123 -14.29 14.36 4.21
C TYR A 123 -15.39 13.85 5.15
N ILE A 124 -15.71 12.56 5.11
CA ILE A 124 -16.73 11.98 5.98
C ILE A 124 -16.35 10.54 6.28
N ALA A 125 -16.60 10.11 7.52
CA ALA A 125 -16.28 8.74 7.90
C ALA A 125 -17.32 8.21 8.87
N LEU A 126 -17.59 6.92 8.78
CA LEU A 126 -18.42 6.26 9.77
C LEU A 126 -17.64 6.08 11.05
N LYS A 127 -18.25 6.40 12.19
CA LYS A 127 -17.64 6.14 13.49
C LYS A 127 -17.65 4.64 13.80
N GLU A 128 -16.88 4.21 14.82
CA GLU A 128 -16.79 2.77 15.10
C GLU A 128 -18.10 2.16 15.57
N ASP A 129 -19.05 2.94 16.09
CA ASP A 129 -20.33 2.36 16.43
C ASP A 129 -21.09 1.90 15.19
N LEU A 130 -20.63 2.30 13.99
CA LEU A 130 -21.29 2.07 12.71
C LEU A 130 -22.67 2.69 12.66
N ARG A 131 -22.92 3.69 13.48
CA ARG A 131 -24.19 4.39 13.47
C ARG A 131 -24.08 5.88 13.19
N SER A 132 -22.95 6.50 13.50
CA SER A 132 -22.77 7.94 13.44
C SER A 132 -21.71 8.27 12.38
N TRP A 133 -21.69 9.54 11.96
CA TRP A 133 -20.76 10.03 10.96
C TRP A 133 -19.89 11.14 11.54
N THR A 134 -18.63 11.15 11.12
CA THR A 134 -17.73 12.27 11.39
C THR A 134 -17.62 13.06 10.10
N ALA A 135 -18.15 14.28 10.11
CA ALA A 135 -18.00 15.22 8.99
C ALA A 135 -16.89 16.19 9.34
N ALA A 136 -15.90 16.31 8.44
CA ALA A 136 -14.71 17.14 8.71
C ALA A 136 -14.99 18.63 8.62
N ASP A 137 -15.91 19.05 7.76
CA ASP A 137 -16.15 20.48 7.53
C ASP A 137 -17.61 20.65 7.16
N MET A 138 -17.98 21.85 6.71
CA MET A 138 -19.40 22.15 6.56
C MET A 138 -19.98 21.54 5.28
N ALA A 139 -19.17 21.47 4.20
CA ALA A 139 -19.60 20.70 3.04
C ALA A 139 -19.96 19.28 3.47
N ALA A 140 -19.11 18.67 4.30
CA ALA A 140 -19.33 17.30 4.70
C ALA A 140 -20.57 17.15 5.58
N GLN A 141 -20.91 18.18 6.40
CA GLN A 141 -22.20 18.06 7.09
C GLN A 141 -23.40 18.13 6.18
N THR A 142 -23.32 18.82 5.05
CA THR A 142 -24.39 18.68 4.08
C THR A 142 -24.54 17.23 3.66
N THR A 143 -23.42 16.56 3.34
CA THR A 143 -23.50 15.14 2.98
C THR A 143 -24.04 14.31 4.14
N LYS A 144 -23.62 14.63 5.36
CA LYS A 144 -24.01 13.83 6.51
C LYS A 144 -25.51 13.84 6.72
N HIS A 145 -26.14 15.02 6.59
CA HIS A 145 -27.59 15.11 6.74
C HIS A 145 -28.30 14.36 5.62
N LYS A 146 -27.75 14.42 4.41
CA LYS A 146 -28.30 13.64 3.31
C LYS A 146 -28.22 12.14 3.58
N TRP A 147 -27.13 11.68 4.19
CA TRP A 147 -26.98 10.25 4.42
C TRP A 147 -27.77 9.77 5.63
N GLU A 148 -27.98 10.65 6.61
CA GLU A 148 -28.90 10.31 7.68
C GLU A 148 -30.29 10.07 7.11
N ALA A 149 -30.74 10.95 6.21
CA ALA A 149 -32.09 10.78 5.63
C ALA A 149 -32.22 9.48 4.85
N ALA A 150 -31.14 9.00 4.21
CA ALA A 150 -31.22 7.85 3.32
C ALA A 150 -30.79 6.53 3.97
N HIS A 151 -30.69 6.49 5.30
CA HIS A 151 -30.48 5.24 6.03
C HIS A 151 -29.13 4.62 5.69
N VAL A 152 -28.15 5.44 5.28
CA VAL A 152 -26.90 4.89 4.77
C VAL A 152 -26.14 4.13 5.85
N ALA A 153 -26.02 4.71 7.05
CA ALA A 153 -25.26 4.03 8.09
C ALA A 153 -25.92 2.69 8.43
N GLU A 154 -27.24 2.61 8.30
CA GLU A 154 -27.98 1.36 8.49
C GLU A 154 -27.41 0.28 7.61
N GLN A 155 -27.44 0.55 6.29
CA GLN A 155 -27.02 -0.42 5.28
C GLN A 155 -25.55 -0.77 5.41
N LEU A 156 -24.73 0.22 5.79
CA LEU A 156 -23.32 -0.03 5.95
C LEU A 156 -23.07 -0.97 7.12
N ARG A 157 -23.77 -0.73 8.23
CA ARG A 157 -23.57 -1.58 9.41
C ARG A 157 -24.04 -3.00 9.14
N ALA A 158 -25.11 -3.16 8.34
CA ALA A 158 -25.57 -4.51 8.00
C ALA A 158 -24.52 -5.25 7.18
N TYR A 159 -23.97 -4.59 6.16
CA TYR A 159 -22.95 -5.23 5.32
C TYR A 159 -21.69 -5.52 6.13
N LEU A 160 -21.21 -4.53 6.88
CA LEU A 160 -19.91 -4.66 7.55
C LEU A 160 -19.92 -5.71 8.64
N GLU A 161 -21.03 -5.86 9.35
CA GLU A 161 -21.15 -6.92 10.35
C GLU A 161 -21.68 -8.23 9.76
N GLY A 162 -22.24 -8.22 8.56
CA GLY A 162 -22.84 -9.42 8.03
C GLY A 162 -22.15 -9.93 6.78
N THR A 163 -22.62 -9.48 5.63
CA THR A 163 -22.04 -9.85 4.34
C THR A 163 -20.52 -9.79 4.31
N CYS A 164 -19.96 -8.68 4.80
CA CYS A 164 -18.52 -8.48 4.74
C CYS A 164 -17.77 -9.62 5.44
N VAL A 165 -18.13 -9.89 6.70
CA VAL A 165 -17.40 -10.92 7.45
C VAL A 165 -17.72 -12.30 6.90
N GLU A 166 -18.90 -12.48 6.33
CA GLU A 166 -19.23 -13.79 5.77
C GLU A 166 -18.35 -14.09 4.57
N TRP A 167 -18.23 -13.12 3.66
CA TRP A 167 -17.41 -13.38 2.49
C TRP A 167 -15.92 -13.39 2.81
N LEU A 168 -15.48 -12.60 3.79
CA LEU A 168 -14.09 -12.72 4.23
C LEU A 168 -13.83 -14.14 4.72
N ARG A 169 -14.79 -14.70 5.46
CA ARG A 169 -14.62 -16.02 6.05
C ARG A 169 -14.61 -17.09 4.94
N ARG A 170 -15.45 -16.91 3.91
CA ARG A 170 -15.39 -17.76 2.73
C ARG A 170 -14.04 -17.68 1.99
N TYR A 171 -13.52 -16.46 1.79
CA TYR A 171 -12.23 -16.33 1.11
C TYR A 171 -11.11 -16.98 1.93
N LEU A 172 -11.08 -16.74 3.24
CA LEU A 172 -10.06 -17.36 4.08
C LEU A 172 -10.03 -18.87 3.93
N GLU A 173 -11.18 -19.53 3.73
CA GLU A 173 -11.04 -20.98 3.60
C GLU A 173 -10.69 -21.38 2.18
N ASN A 174 -11.31 -20.77 1.16
CA ASN A 174 -10.93 -21.07 -0.21
C ASN A 174 -9.45 -20.79 -0.46
N GLY A 175 -8.91 -19.73 0.14
CA GLY A 175 -7.52 -19.38 -0.09
C GLY A 175 -6.59 -19.83 1.01
N LYS A 176 -7.01 -20.84 1.80
CA LYS A 176 -6.29 -21.26 2.99
C LYS A 176 -4.79 -21.48 2.74
N GLU A 177 -4.43 -21.98 1.55
CA GLU A 177 -3.04 -22.37 1.30
C GLU A 177 -2.09 -21.18 1.35
N THR A 178 -2.57 -19.98 1.00
CA THR A 178 -1.79 -18.75 1.13
C THR A 178 -2.31 -17.80 2.20
N LEU A 179 -3.63 -17.59 2.28
CA LEU A 179 -4.15 -16.56 3.17
C LEU A 179 -3.91 -16.90 4.64
N GLN A 180 -3.96 -18.18 5.02
CA GLN A 180 -3.70 -18.57 6.41
C GLN A 180 -2.28 -19.07 6.60
N ARG A 181 -1.39 -18.85 5.64
CA ARG A 181 0.03 -19.14 5.81
C ARG A 181 0.76 -17.86 6.19
N THR A 182 1.58 -17.92 7.24
CA THR A 182 2.48 -16.83 7.59
C THR A 182 3.86 -17.15 7.00
N ASP A 183 4.49 -16.14 6.39
CA ASP A 183 5.87 -16.23 5.93
C ASP A 183 6.72 -15.42 6.92
N ALA A 184 7.48 -16.12 7.76
CA ALA A 184 8.32 -15.43 8.71
C ALA A 184 9.47 -14.76 7.97
N PRO A 185 9.97 -13.63 8.48
CA PRO A 185 11.04 -12.93 7.77
C PRO A 185 12.30 -13.76 7.72
N LYS A 186 12.91 -13.79 6.54
CA LYS A 186 14.28 -14.25 6.41
CA LYS A 186 14.28 -14.25 6.41
C LYS A 186 15.18 -13.10 6.79
N THR A 187 15.92 -13.25 7.88
CA THR A 187 16.73 -12.16 8.40
C THR A 187 18.22 -12.45 8.24
N HIS A 188 18.99 -11.40 8.02
CA HIS A 188 20.44 -11.45 8.09
C HIS A 188 20.95 -10.03 8.34
N MET A 189 22.22 -9.95 8.64
CA MET A 189 22.87 -8.68 8.94
CA MET A 189 22.89 -8.70 8.98
C MET A 189 24.03 -8.45 8.00
N THR A 190 24.15 -7.22 7.50
CA THR A 190 25.27 -6.84 6.64
C THR A 190 26.07 -5.72 7.32
N HIS A 191 27.33 -5.58 6.88
CA HIS A 191 28.32 -4.70 7.50
C HIS A 191 28.90 -3.83 6.40
N HIS A 192 28.96 -2.52 6.63
CA HIS A 192 29.40 -1.58 5.61
C HIS A 192 30.30 -0.56 6.30
N ALA A 193 31.61 -0.79 6.21
CA ALA A 193 32.55 0.15 6.80
C ALA A 193 32.40 1.50 6.12
N VAL A 194 32.31 2.56 6.93
CA VAL A 194 32.18 3.92 6.43
C VAL A 194 33.43 4.75 6.72
N SER A 195 34.45 4.12 7.31
CA SER A 195 35.74 4.72 7.61
C SER A 195 36.52 3.62 8.30
N ASP A 196 37.74 3.90 8.73
CA ASP A 196 38.48 2.89 9.49
C ASP A 196 38.09 2.86 10.97
N HIS A 197 37.17 3.74 11.42
CA HIS A 197 36.70 3.68 12.80
CA HIS A 197 36.69 3.75 12.80
C HIS A 197 35.18 3.56 12.93
N GLU A 198 34.43 3.55 11.83
CA GLU A 198 32.97 3.50 11.90
C GLU A 198 32.41 2.57 10.83
N ALA A 199 31.26 1.97 11.14
CA ALA A 199 30.60 1.07 10.20
C ALA A 199 29.10 1.10 10.42
N THR A 200 28.36 0.85 9.35
CA THR A 200 26.91 0.67 9.41
C THR A 200 26.61 -0.82 9.49
N LEU A 201 25.85 -1.21 10.51
CA LEU A 201 25.25 -2.54 10.56
C LEU A 201 23.82 -2.45 10.05
N ARG A 202 23.47 -3.29 9.09
CA ARG A 202 22.13 -3.25 8.51
C ARG A 202 21.43 -4.58 8.77
N CYS A 203 20.28 -4.53 9.42
CA CYS A 203 19.49 -5.70 9.76
C CYS A 203 18.33 -5.82 8.78
N TRP A 204 18.28 -6.93 8.05
CA TRP A 204 17.36 -7.13 6.93
C TRP A 204 16.26 -8.11 7.31
N ALA A 205 15.04 -7.80 6.88
CA ALA A 205 13.93 -8.74 6.99
C ALA A 205 13.32 -8.83 5.60
N LEU A 206 13.34 -10.03 5.02
CA LEU A 206 12.98 -10.23 3.63
C LEU A 206 11.89 -11.28 3.50
N SER A 207 11.08 -11.13 2.45
CA SER A 207 10.14 -12.17 2.00
CA SER A 207 10.15 -12.17 2.02
C SER A 207 9.14 -12.55 3.09
N PHE A 208 8.69 -11.57 3.88
CA PHE A 208 7.75 -11.92 4.94
C PHE A 208 6.32 -11.53 4.55
N TYR A 209 5.36 -12.16 5.23
CA TYR A 209 3.93 -11.92 5.05
C TYR A 209 3.27 -12.35 6.35
N PRO A 210 2.32 -11.56 6.89
CA PRO A 210 1.82 -10.25 6.45
C PRO A 210 2.84 -9.12 6.64
N ALA A 211 2.50 -7.91 6.17
CA ALA A 211 3.47 -6.81 6.12
C ALA A 211 3.84 -6.28 7.51
N GLU A 212 2.99 -6.49 8.51
CA GLU A 212 3.23 -5.95 9.85
C GLU A 212 4.49 -6.55 10.47
N ILE A 213 5.43 -5.72 10.89
CA ILE A 213 6.70 -6.19 11.44
C ILE A 213 7.30 -5.11 12.33
N THR A 214 8.08 -5.54 13.33
CA THR A 214 8.85 -4.59 14.15
C THR A 214 10.33 -4.98 14.14
N LEU A 215 11.18 -4.03 13.73
CA LEU A 215 12.64 -4.17 13.80
C LEU A 215 13.18 -3.13 14.76
N THR A 216 13.95 -3.56 15.77
CA THR A 216 14.46 -2.61 16.75
C THR A 216 15.90 -2.96 17.09
N TRP A 217 16.70 -1.93 17.33
CA TRP A 217 18.12 -2.06 17.62
C TRP A 217 18.33 -1.90 19.11
N GLN A 218 19.18 -2.74 19.69
CA GLN A 218 19.54 -2.63 21.09
C GLN A 218 21.04 -2.54 21.23
N ARG A 219 21.49 -1.75 22.18
CA ARG A 219 22.91 -1.68 22.53
CA ARG A 219 22.91 -1.67 22.54
C ARG A 219 23.04 -2.06 24.00
N ASP A 220 23.87 -3.07 24.26
CA ASP A 220 24.03 -3.60 25.60
C ASP A 220 22.65 -3.84 26.24
N GLY A 221 21.77 -4.48 25.46
CA GLY A 221 20.48 -4.92 25.98
C GLY A 221 19.48 -3.83 26.25
N GLU A 222 19.71 -2.63 25.75
CA GLU A 222 18.81 -1.51 25.98
C GLU A 222 18.60 -0.78 24.65
N ASP A 223 17.43 -0.18 24.52
CA ASP A 223 16.98 0.35 23.24
C ASP A 223 17.94 1.41 22.71
N GLN A 224 18.34 1.22 21.47
CA GLN A 224 19.26 2.11 20.78
C GLN A 224 18.45 3.03 19.86
N THR A 225 18.53 4.32 20.14
CA THR A 225 17.77 5.34 19.44
C THR A 225 18.61 6.17 18.48
N GLN A 226 19.82 6.54 18.89
CA GLN A 226 20.68 7.42 18.09
C GLN A 226 21.29 6.67 16.90
N ASP A 227 21.44 7.39 15.79
CA ASP A 227 22.17 6.91 14.62
C ASP A 227 21.55 5.64 14.03
N THR A 228 20.24 5.49 14.19
CA THR A 228 19.52 4.41 13.54
C THR A 228 18.72 4.99 12.38
N GLU A 229 18.59 4.18 11.31
CA GLU A 229 17.68 4.50 10.21
CA GLU A 229 17.70 4.49 10.19
C GLU A 229 16.77 3.30 9.99
N LEU A 230 15.49 3.58 9.80
CA LEU A 230 14.47 2.55 9.64
C LEU A 230 13.65 2.93 8.43
N VAL A 231 13.68 2.10 7.38
CA VAL A 231 12.92 2.41 6.17
C VAL A 231 11.50 1.85 6.29
N GLU A 232 10.61 2.47 5.53
CA GLU A 232 9.22 2.03 5.42
CA GLU A 232 9.23 2.02 5.46
C GLU A 232 9.15 0.64 4.82
N THR A 233 8.28 -0.21 5.38
CA THR A 233 8.06 -1.52 4.82
C THR A 233 7.69 -1.40 3.34
N ARG A 234 8.24 -2.29 2.52
CA ARG A 234 8.10 -2.10 1.09
C ARG A 234 7.80 -3.45 0.44
N PRO A 235 7.00 -3.46 -0.64
CA PRO A 235 6.65 -4.73 -1.28
C PRO A 235 7.83 -5.27 -2.07
N ALA A 236 8.01 -6.59 -2.01
CA ALA A 236 9.01 -7.25 -2.85
C ALA A 236 8.55 -7.35 -4.30
N GLY A 237 7.25 -7.25 -4.55
CA GLY A 237 6.68 -7.42 -5.87
C GLY A 237 6.14 -8.81 -6.12
N ASP A 238 6.41 -9.77 -5.23
CA ASP A 238 5.92 -11.14 -5.39
C ASP A 238 4.88 -11.49 -4.32
N GLY A 239 4.31 -10.47 -3.67
CA GLY A 239 3.33 -10.69 -2.64
C GLY A 239 3.87 -10.60 -1.23
N THR A 240 5.19 -10.60 -1.05
CA THR A 240 5.82 -10.51 0.27
C THR A 240 6.42 -9.13 0.43
N PHE A 241 6.97 -8.87 1.62
CA PHE A 241 7.43 -7.54 1.96
C PHE A 241 8.86 -7.60 2.50
N GLN A 242 9.49 -6.42 2.57
CA GLN A 242 10.87 -6.26 3.00
C GLN A 242 10.97 -5.09 3.95
N LYS A 243 11.99 -5.12 4.80
CA LYS A 243 12.27 -4.00 5.69
C LYS A 243 13.68 -4.14 6.21
N TRP A 244 14.32 -3.01 6.46
CA TRP A 244 15.62 -3.03 7.12
C TRP A 244 15.74 -1.87 8.08
N ALA A 245 16.60 -2.08 9.08
CA ALA A 245 16.99 -1.11 10.10
C ALA A 245 18.50 -1.12 10.22
N ALA A 246 19.10 0.05 10.33
CA ALA A 246 20.55 0.17 10.38
C ALA A 246 20.97 1.08 11.53
N VAL A 247 22.20 0.88 12.00
CA VAL A 247 22.79 1.70 13.06
C VAL A 247 24.28 1.86 12.74
N VAL A 248 24.83 3.03 13.05
CA VAL A 248 26.25 3.31 12.88
C VAL A 248 26.93 3.05 14.21
N VAL A 249 28.00 2.28 14.17
CA VAL A 249 28.69 1.86 15.39
C VAL A 249 30.18 2.13 15.24
N PRO A 250 30.91 2.30 16.35
CA PRO A 250 32.38 2.32 16.27
C PRO A 250 32.91 0.96 15.84
N SER A 251 33.89 0.99 14.93
CA SER A 251 34.50 -0.25 14.46
C SER A 251 35.11 -1.04 15.62
N GLY A 252 34.89 -2.35 15.60
CA GLY A 252 35.27 -3.21 16.71
C GLY A 252 34.26 -3.34 17.82
N GLN A 253 33.22 -2.49 17.86
CA GLN A 253 32.21 -2.56 18.91
C GLN A 253 30.93 -3.26 18.45
N GLU A 254 30.96 -3.95 17.31
CA GLU A 254 29.75 -4.47 16.70
C GLU A 254 29.01 -5.42 17.61
N GLN A 255 29.70 -6.07 18.56
CA GLN A 255 29.02 -7.12 19.29
C GLN A 255 28.06 -6.57 20.33
N ARG A 256 28.21 -5.31 20.75
CA ARG A 256 27.27 -4.75 21.73
C ARG A 256 25.87 -4.61 21.17
N TYR A 257 25.71 -4.71 19.85
CA TYR A 257 24.50 -4.30 19.16
C TYR A 257 23.71 -5.51 18.70
N THR A 258 22.42 -5.52 19.01
CA THR A 258 21.55 -6.62 18.59
C THR A 258 20.32 -6.04 17.92
N CYS A 259 19.93 -6.67 16.81
CA CYS A 259 18.70 -6.33 16.12
C CYS A 259 17.60 -7.30 16.52
N HIS A 260 16.40 -6.77 16.79
CA HIS A 260 15.31 -7.59 17.30
C HIS A 260 14.13 -7.53 16.35
N VAL A 261 13.64 -8.70 15.97
CA VAL A 261 12.66 -8.86 14.88
C VAL A 261 11.41 -9.52 15.44
N GLN A 262 10.29 -8.80 15.40
CA GLN A 262 9.00 -9.33 15.83
C GLN A 262 8.09 -9.44 14.63
N HIS A 263 7.43 -10.59 14.49
CA HIS A 263 6.56 -10.87 13.36
C HIS A 263 5.66 -12.03 13.72
N GLU A 264 4.39 -11.95 13.30
CA GLU A 264 3.41 -13.01 13.57
C GLU A 264 3.88 -14.39 13.13
N GLY A 265 4.81 -14.48 12.19
CA GLY A 265 5.32 -15.79 11.80
C GLY A 265 6.42 -16.36 12.67
N LEU A 266 6.81 -15.65 13.72
CA LEU A 266 7.87 -16.13 14.61
C LEU A 266 7.27 -16.42 15.99
N PRO A 267 7.37 -17.64 16.51
CA PRO A 267 6.78 -17.94 17.83
C PRO A 267 7.35 -17.07 18.94
N LYS A 268 8.68 -16.89 18.95
CA LYS A 268 9.38 -15.92 19.80
C LYS A 268 10.12 -14.96 18.89
N PRO A 269 10.30 -13.70 19.32
CA PRO A 269 11.06 -12.76 18.49
C PRO A 269 12.51 -13.22 18.31
N LEU A 270 13.13 -12.64 17.31
CA LEU A 270 14.41 -13.10 16.78
C LEU A 270 15.47 -12.07 17.15
N THR A 271 16.70 -12.54 17.35
CA THR A 271 17.81 -11.68 17.76
C THR A 271 19.00 -11.95 16.88
N LEU A 272 19.52 -10.91 16.22
CA LEU A 272 20.65 -11.02 15.33
C LEU A 272 21.79 -10.14 15.83
N ARG A 273 23.00 -10.61 15.60
CA ARG A 273 24.24 -9.96 16.02
C ARG A 273 25.29 -10.24 14.96
N TRP A 274 26.08 -9.22 14.63
CA TRP A 274 27.19 -9.39 13.70
C TRP A 274 28.30 -10.21 14.35
N GLU A 275 28.89 -11.15 13.62
CA GLU A 275 30.00 -11.90 14.22
C GLU A 275 31.34 -11.20 14.02
N GLN B 2 -1.05 18.61 -1.58
CA GLN B 2 0.25 18.43 -2.23
C GLN B 2 1.38 17.92 -1.29
N ARG B 3 1.54 16.58 -1.26
CA ARG B 3 2.60 15.88 -0.55
C ARG B 3 3.61 15.28 -1.54
N THR B 4 4.90 15.43 -1.23
CA THR B 4 5.98 15.03 -2.13
CA THR B 4 5.95 15.03 -2.15
C THR B 4 6.22 13.52 -2.04
N PRO B 5 6.53 12.86 -3.16
CA PRO B 5 6.75 11.42 -3.10
C PRO B 5 8.05 11.06 -2.38
N LYS B 6 7.95 10.00 -1.58
CA LYS B 6 9.10 9.28 -1.04
C LYS B 6 9.46 8.10 -1.95
N ILE B 7 10.76 7.85 -2.11
CA ILE B 7 11.26 6.90 -3.11
C ILE B 7 12.18 5.91 -2.44
N GLN B 8 12.00 4.62 -2.77
CA GLN B 8 12.98 3.57 -2.49
C GLN B 8 13.25 2.81 -3.78
N VAL B 9 14.53 2.61 -4.10
CA VAL B 9 14.96 1.85 -5.26
C VAL B 9 15.69 0.63 -4.71
N TYR B 10 15.30 -0.56 -5.16
CA TYR B 10 15.85 -1.76 -4.54
C TYR B 10 15.57 -2.96 -5.44
N SER B 11 16.22 -4.07 -5.14
CA SER B 11 15.95 -5.31 -5.85
C SER B 11 15.03 -6.20 -5.03
N ARG B 12 14.33 -7.09 -5.75
CA ARG B 12 13.44 -8.05 -5.09
C ARG B 12 14.25 -9.05 -4.29
N HIS B 13 15.41 -9.46 -4.80
CA HIS B 13 16.28 -10.45 -4.20
C HIS B 13 17.66 -9.86 -3.95
N PRO B 14 18.37 -10.36 -2.93
CA PRO B 14 19.74 -9.89 -2.71
C PRO B 14 20.55 -10.01 -3.98
N ALA B 15 21.26 -8.95 -4.33
CA ALA B 15 21.80 -8.81 -5.68
C ALA B 15 23.14 -9.52 -5.81
N GLU B 16 23.30 -10.22 -6.93
CA GLU B 16 24.55 -10.86 -7.29
C GLU B 16 24.84 -10.52 -8.74
N ASN B 17 26.04 -9.96 -9.01
CA ASN B 17 26.37 -9.60 -10.37
C ASN B 17 26.19 -10.81 -11.28
N GLY B 18 25.55 -10.61 -12.42
CA GLY B 18 25.35 -11.66 -13.38
C GLY B 18 24.12 -12.51 -13.16
N LYS B 19 23.38 -12.31 -12.07
CA LYS B 19 22.21 -13.14 -11.79
C LYS B 19 20.91 -12.35 -11.95
N SER B 20 19.97 -12.91 -12.73
CA SER B 20 18.70 -12.25 -13.01
CA SER B 20 18.73 -12.22 -13.01
C SER B 20 17.99 -11.86 -11.73
N ASN B 21 17.20 -10.79 -11.80
CA ASN B 21 16.63 -10.19 -10.60
C ASN B 21 15.48 -9.28 -11.06
N PHE B 22 14.94 -8.48 -10.14
CA PHE B 22 13.89 -7.53 -10.44
C PHE B 22 14.22 -6.22 -9.76
N LEU B 23 14.13 -5.15 -10.51
CA LEU B 23 14.42 -3.80 -10.05
C LEU B 23 13.11 -3.13 -9.68
N ASN B 24 13.01 -2.64 -8.45
CA ASN B 24 11.81 -2.02 -7.91
C ASN B 24 12.03 -0.54 -7.67
N CYS B 25 11.02 0.27 -7.98
CA CYS B 25 10.93 1.64 -7.49
C CYS B 25 9.60 1.79 -6.77
N TYR B 26 9.66 2.02 -5.46
CA TYR B 26 8.47 2.14 -4.61
C TYR B 26 8.32 3.62 -4.28
N VAL B 27 7.25 4.23 -4.78
CA VAL B 27 6.96 5.64 -4.49
C VAL B 27 5.71 5.67 -3.63
N SER B 28 5.77 6.46 -2.55
CA SER B 28 4.73 6.46 -1.54
C SER B 28 4.63 7.85 -0.95
N GLY B 29 3.59 8.05 -0.14
CA GLY B 29 3.40 9.30 0.56
C GLY B 29 3.00 10.51 -0.27
N PHE B 30 2.58 10.33 -1.52
CA PHE B 30 2.35 11.48 -2.38
C PHE B 30 0.87 11.72 -2.65
N HIS B 31 0.58 12.97 -3.09
CA HIS B 31 -0.75 13.43 -3.46
CA HIS B 31 -0.74 13.42 -3.48
C HIS B 31 -0.58 14.71 -4.26
N PRO B 32 -1.29 14.88 -5.39
CA PRO B 32 -2.25 13.95 -5.99
C PRO B 32 -1.56 12.75 -6.65
N SER B 33 -2.38 11.88 -7.26
CA SER B 33 -1.94 10.58 -7.76
C SER B 33 -1.14 10.67 -9.06
N ASP B 34 -1.28 11.76 -9.82
CA ASP B 34 -0.54 11.92 -11.07
C ASP B 34 0.97 11.90 -10.81
N ILE B 35 1.67 10.91 -11.36
CA ILE B 35 3.11 10.80 -11.15
C ILE B 35 3.78 10.17 -12.36
N GLU B 36 5.01 10.60 -12.63
CA GLU B 36 5.83 10.01 -13.67
C GLU B 36 6.99 9.25 -13.03
N VAL B 37 7.14 7.97 -13.38
CA VAL B 37 8.18 7.14 -12.80
C VAL B 37 8.86 6.36 -13.91
N ASP B 38 10.17 6.50 -14.01
CA ASP B 38 10.95 5.74 -14.97
C ASP B 38 12.07 4.99 -14.26
N LEU B 39 12.33 3.77 -14.70
CA LEU B 39 13.53 3.06 -14.31
C LEU B 39 14.58 3.29 -15.40
N LEU B 40 15.80 3.63 -14.98
CA LEU B 40 16.88 3.99 -15.89
C LEU B 40 18.00 2.96 -15.82
N LYS B 41 18.57 2.66 -16.98
CA LYS B 41 19.78 1.87 -17.09
C LYS B 41 20.81 2.74 -17.80
N ASN B 42 21.84 3.15 -17.05
CA ASN B 42 22.90 4.01 -17.59
C ASN B 42 22.32 5.30 -18.14
N GLY B 43 21.40 5.88 -17.37
CA GLY B 43 20.76 7.13 -17.76
C GLY B 43 19.64 7.00 -18.77
N GLU B 44 19.46 5.84 -19.38
CA GLU B 44 18.44 5.65 -20.39
C GLU B 44 17.22 4.93 -19.80
N ARG B 45 16.05 5.26 -20.34
CA ARG B 45 14.79 4.75 -19.84
C ARG B 45 14.59 3.31 -20.27
N ILE B 46 14.30 2.43 -19.31
CA ILE B 46 13.93 1.04 -19.62
C ILE B 46 12.48 1.02 -20.09
N GLU B 47 12.18 0.20 -21.10
CA GLU B 47 10.89 0.28 -21.76
C GLU B 47 9.84 -0.68 -21.22
N LYS B 48 10.21 -1.86 -20.74
CA LYS B 48 9.20 -2.88 -20.37
C LYS B 48 8.88 -2.83 -18.88
N VAL B 49 8.47 -1.66 -18.39
CA VAL B 49 8.29 -1.42 -16.95
C VAL B 49 6.81 -1.51 -16.62
N GLU B 50 6.47 -2.39 -15.68
CA GLU B 50 5.11 -2.57 -15.20
C GLU B 50 4.94 -1.86 -13.86
N HIS B 51 3.69 -1.74 -13.42
CA HIS B 51 3.48 -1.14 -12.11
C HIS B 51 2.25 -1.73 -11.46
N SER B 52 2.17 -1.54 -10.14
CA SER B 52 1.04 -2.01 -9.34
C SER B 52 -0.18 -1.12 -9.55
N ASP B 53 -1.33 -1.60 -9.09
CA ASP B 53 -2.57 -0.84 -9.15
C ASP B 53 -2.59 0.18 -8.01
N LEU B 54 -2.99 1.41 -8.32
CA LEU B 54 -2.95 2.49 -7.35
C LEU B 54 -3.75 2.17 -6.08
N SER B 55 -3.14 2.37 -4.92
CA SER B 55 -3.80 2.20 -3.63
C SER B 55 -3.27 3.28 -2.70
N PHE B 56 -3.79 3.35 -1.47
CA PHE B 56 -3.39 4.47 -0.63
C PHE B 56 -3.37 4.05 0.84
N SER B 57 -2.70 4.86 1.63
CA SER B 57 -2.57 4.64 3.06
CA SER B 57 -2.60 4.62 3.06
C SER B 57 -3.65 5.43 3.82
N LYS B 58 -3.62 5.27 5.14
CA LYS B 58 -4.60 5.80 6.08
C LYS B 58 -4.64 7.33 6.11
N ASP B 59 -3.53 7.99 5.81
CA ASP B 59 -3.53 9.44 5.65
C ASP B 59 -3.93 9.85 4.23
N TRP B 60 -4.42 8.91 3.41
CA TRP B 60 -4.90 9.08 2.05
C TRP B 60 -3.77 9.24 1.03
N SER B 61 -2.50 9.16 1.41
CA SER B 61 -1.43 9.28 0.44
CA SER B 61 -1.39 9.26 0.47
C SER B 61 -1.32 8.01 -0.40
N PHE B 62 -0.94 8.18 -1.65
CA PHE B 62 -0.88 7.07 -2.60
C PHE B 62 0.45 6.31 -2.54
N TYR B 63 0.43 5.06 -3.00
CA TYR B 63 1.68 4.35 -3.24
C TYR B 63 1.57 3.51 -4.51
N LEU B 64 2.72 3.35 -5.16
CA LEU B 64 2.88 2.58 -6.40
C LEU B 64 4.23 1.88 -6.40
N LEU B 65 4.24 0.65 -6.93
CA LEU B 65 5.48 -0.09 -7.20
C LEU B 65 5.66 -0.20 -8.71
N TYR B 66 6.80 0.26 -9.20
CA TYR B 66 7.22 0.08 -10.58
C TYR B 66 8.36 -0.93 -10.61
N TYR B 67 8.33 -1.83 -11.60
CA TYR B 67 9.29 -2.92 -11.58
C TYR B 67 9.55 -3.44 -12.98
N THR B 68 10.73 -4.05 -13.14
CA THR B 68 11.18 -4.68 -14.37
C THR B 68 12.27 -5.68 -14.02
N GLU B 69 12.43 -6.71 -14.86
CA GLU B 69 13.54 -7.63 -14.73
C GLU B 69 14.85 -6.92 -15.00
N PHE B 70 15.94 -7.34 -14.34
CA PHE B 70 17.21 -6.77 -14.74
C PHE B 70 18.27 -7.72 -14.23
N THR B 71 19.50 -7.47 -14.63
CA THR B 71 20.64 -8.27 -14.20
C THR B 71 21.73 -7.33 -13.75
N PRO B 72 21.97 -7.20 -12.46
CA PRO B 72 23.05 -6.32 -12.00
C PRO B 72 24.40 -6.79 -12.54
N THR B 73 25.30 -5.83 -12.73
CA THR B 73 26.63 -6.04 -13.26
C THR B 73 27.57 -5.04 -12.60
N GLU B 74 28.87 -5.29 -12.71
CA GLU B 74 29.88 -4.41 -12.10
C GLU B 74 29.87 -3.02 -12.70
N LYS B 75 29.21 -2.88 -13.83
CA LYS B 75 29.52 -1.94 -14.87
C LYS B 75 28.32 -1.09 -15.26
N ASP B 76 27.11 -1.64 -15.14
CA ASP B 76 25.88 -0.89 -15.34
C ASP B 76 25.42 -0.22 -14.04
N GLU B 77 24.83 0.97 -14.17
CA GLU B 77 24.19 1.68 -13.07
C GLU B 77 22.69 1.74 -13.32
N TYR B 78 21.91 1.56 -12.27
CA TYR B 78 20.46 1.65 -12.39
C TYR B 78 19.95 2.75 -11.46
N ALA B 79 18.79 3.28 -11.82
CA ALA B 79 18.25 4.38 -11.05
C ALA B 79 16.74 4.45 -11.27
N CYS B 80 16.08 5.19 -10.41
CA CYS B 80 14.68 5.52 -10.56
C CYS B 80 14.57 7.03 -10.72
N ARG B 81 13.67 7.47 -11.60
CA ARG B 81 13.47 8.90 -11.88
C ARG B 81 12.00 9.23 -11.70
N VAL B 82 11.69 10.17 -10.81
CA VAL B 82 10.33 10.47 -10.39
C VAL B 82 10.05 11.94 -10.64
N ASN B 83 8.91 12.22 -11.27
CA ASN B 83 8.45 13.61 -11.37
C ASN B 83 7.01 13.72 -10.88
N HIS B 84 6.74 14.83 -10.19
CA HIS B 84 5.50 15.08 -9.48
C HIS B 84 5.33 16.58 -9.38
N VAL B 85 4.07 17.02 -9.28
CA VAL B 85 3.81 18.46 -9.27
C VAL B 85 4.48 19.11 -8.06
N THR B 86 4.71 18.33 -7.00
CA THR B 86 5.39 18.83 -5.80
C THR B 86 6.90 18.99 -5.96
N LEU B 87 7.49 18.53 -7.07
CA LEU B 87 8.94 18.59 -7.26
C LEU B 87 9.25 19.61 -8.34
N SER B 88 10.26 20.45 -8.08
CA SER B 88 10.68 21.44 -9.08
C SER B 88 11.24 20.75 -10.32
N GLN B 89 11.80 19.56 -10.16
CA GLN B 89 12.48 18.90 -11.26
C GLN B 89 12.56 17.41 -10.93
N PRO B 90 12.69 16.56 -11.95
CA PRO B 90 12.65 15.12 -11.70
C PRO B 90 13.76 14.69 -10.74
N LYS B 91 13.39 13.87 -9.74
CA LYS B 91 14.34 13.37 -8.75
C LYS B 91 14.86 12.01 -9.20
N ILE B 92 16.18 11.84 -9.21
CA ILE B 92 16.81 10.58 -9.57
C ILE B 92 17.42 9.97 -8.32
N VAL B 93 17.07 8.72 -8.05
CA VAL B 93 17.63 7.95 -6.93
C VAL B 93 18.33 6.74 -7.52
N LYS B 94 19.63 6.65 -7.28
CA LYS B 94 20.44 5.55 -7.80
C LYS B 94 20.16 4.28 -7.02
N TRP B 95 20.08 3.16 -7.74
CA TRP B 95 20.05 1.87 -7.06
C TRP B 95 21.39 1.58 -6.39
N ASP B 96 21.33 1.22 -5.10
CA ASP B 96 22.47 0.78 -4.30
C ASP B 96 22.13 -0.59 -3.73
N ARG B 97 22.87 -1.62 -4.16
CA ARG B 97 22.50 -2.98 -3.76
C ARG B 97 22.50 -3.18 -2.26
N ASP B 98 23.10 -2.28 -1.49
CA ASP B 98 23.15 -2.45 -0.05
C ASP B 98 21.96 -1.81 0.67
N MET B 99 20.96 -1.36 -0.07
CA MET B 99 19.80 -0.68 0.51
C MET B 99 18.47 -1.12 -0.09
N ILE C 1 -16.48 -9.52 -1.22
CA ILE C 1 -17.61 -9.16 -2.08
C ILE C 1 -17.96 -7.68 -1.80
N LEU C 2 -18.15 -6.89 -2.87
CA LEU C 2 -18.37 -5.45 -2.74
C LEU C 2 -19.75 -5.15 -2.16
N LEU C 3 -19.87 -3.97 -1.58
CA LEU C 3 -21.17 -3.44 -1.18
C LEU C 3 -21.98 -3.08 -2.41
N ASN C 4 -23.29 -3.36 -2.38
CA ASN C 4 -24.09 -3.26 -3.60
C ASN C 4 -24.37 -1.82 -3.98
N LYS C 5 -24.62 -0.94 -3.03
CA LYS C 5 -24.99 0.42 -3.40
C LYS C 5 -24.30 1.43 -2.52
N HIS C 6 -23.83 2.50 -3.15
CA HIS C 6 -23.30 3.70 -2.48
C HIS C 6 -24.19 4.89 -2.84
N ILE C 7 -24.76 5.52 -1.81
CA ILE C 7 -25.49 6.78 -1.99
C ILE C 7 -24.49 7.88 -2.35
N ASP C 8 -24.97 8.87 -3.11
CA ASP C 8 -24.18 10.01 -3.53
C ASP C 8 -23.87 10.93 -2.35
N ALA C 9 -22.80 11.72 -2.49
CA ALA C 9 -22.45 12.70 -1.47
C ALA C 9 -23.29 13.98 -1.65
#